data_5ICV
#
_entry.id   5ICV
#
_cell.length_a   48.448
_cell.length_b   48.448
_cell.length_c   148.368
_cell.angle_alpha   90.00
_cell.angle_beta   90.00
_cell.angle_gamma   90.00
#
_symmetry.space_group_name_H-M   'P 41'
#
loop_
_entity.id
_entity.type
_entity.pdbx_description
1 polymer 'N-alpha-acetyltransferase 60'
2 polymer MET-LYS-ALA-VAL-LIG
3 non-polymer '[5-(6-amino-9H-purin-9-yl)-4-hydroxy-3-(phosphonooxy)furan-2-yl]methyl (3R)-4-{[3-({(E)-2-[(2,2-dihydroxyethyl)sulfanyl]ethenyl}amino)-3-oxopropyl]amino}-3-hydroxy-2,2-dimethyl-4-oxobutyl dihydrogen diphosphate'
4 water water
#
loop_
_entity_poly.entity_id
_entity_poly.type
_entity_poly.pdbx_seq_one_letter_code
_entity_poly.pdbx_strand_id
1 'polypeptide(L)'
;VPSSALSEVSLRLLCHDDIDTVKHLCGDWFPIEYPDSWYRDITSNKKFFSLAATYRGAIVGMIVAEIKNRTKIHKEDGDI
LASNFSVDTQVAYILSLGVVKEFRKHGIGSLLLESLKDHISTTAQDHCKAIYLHVLTTNNTAINFYENRDFKQHHYLPYY
YSIRGVLKDGFTYVLYINGG
;
A,B
2 'polypeptide(L)' MKAV C,D
#
loop_
_chem_comp.id
_chem_comp.type
_chem_comp.name
_chem_comp.formula
1XE non-polymer '[5-(6-amino-9H-purin-9-yl)-4-hydroxy-3-(phosphonooxy)furan-2-yl]methyl (3R)-4-{[3-({(E)-2-[(2,2-dihydroxyethyl)sulfanyl]ethenyl}amino)-3-oxopropyl]amino}-3-hydroxy-2,2-dimethyl-4-oxobutyl dihydrogen diphosphate' 'C23 H34 N7 O18 P3 S'
#
# COMPACT_ATOMS: atom_id res chain seq x y z
N VAL A 1 39.08 0.49 5.57
CA VAL A 1 38.57 -0.27 6.71
C VAL A 1 39.29 -1.61 6.84
N PRO A 2 39.56 -2.04 8.08
CA PRO A 2 40.25 -3.31 8.31
C PRO A 2 39.48 -4.49 7.72
N SER A 3 40.19 -5.52 7.25
CA SER A 3 39.56 -6.68 6.63
C SER A 3 38.92 -7.61 7.67
N SER A 4 39.00 -7.22 8.94
CA SER A 4 38.36 -7.98 10.01
C SER A 4 37.05 -7.29 10.43
N ALA A 5 36.66 -6.27 9.67
CA ALA A 5 35.53 -5.43 10.03
C ALA A 5 34.21 -6.19 10.10
N LEU A 6 34.03 -7.16 9.20
CA LEU A 6 32.79 -7.91 9.16
C LEU A 6 32.52 -8.62 10.49
N SER A 7 33.60 -9.10 11.11
CA SER A 7 33.48 -9.80 12.38
C SER A 7 33.01 -8.87 13.51
N GLU A 8 33.21 -7.56 13.35
CA GLU A 8 32.79 -6.62 14.38
C GLU A 8 31.44 -5.98 14.05
N VAL A 9 30.85 -6.40 12.93
CA VAL A 9 29.57 -5.84 12.52
C VAL A 9 28.43 -6.50 13.28
N SER A 10 27.51 -5.68 13.79
CA SER A 10 26.30 -6.21 14.40
C SER A 10 25.07 -5.78 13.61
N LEU A 11 23.93 -6.38 13.94
CA LEU A 11 22.69 -6.05 13.30
C LEU A 11 21.62 -5.66 14.30
N ARG A 12 20.78 -4.71 13.89
CA ARG A 12 19.62 -4.34 14.68
C ARG A 12 18.56 -3.70 13.80
N LEU A 13 17.32 -3.77 14.24
CA LEU A 13 16.24 -3.13 13.48
C LEU A 13 16.32 -1.61 13.65
N LEU A 14 15.87 -0.90 12.62
CA LEU A 14 15.79 0.56 12.73
C LEU A 14 14.74 0.95 13.75
N CYS A 15 14.94 2.11 14.37
CA CYS A 15 13.95 2.71 15.26
C CYS A 15 13.75 4.19 14.92
N HIS A 16 12.76 4.79 15.56
CA HIS A 16 12.43 6.19 15.36
C HIS A 16 13.64 7.10 15.49
N ASP A 17 14.50 6.84 16.49
CA ASP A 17 15.64 7.73 16.73
C ASP A 17 16.70 7.69 15.64
N ASP A 18 16.55 6.78 14.69
CA ASP A 18 17.52 6.63 13.61
C ASP A 18 17.23 7.53 12.41
N ILE A 19 16.08 8.20 12.42
CA ILE A 19 15.63 8.94 11.23
C ILE A 19 16.68 9.87 10.64
N ASP A 20 17.32 10.69 11.46
CA ASP A 20 18.27 11.66 10.92
C ASP A 20 19.50 10.98 10.29
N THR A 21 20.03 9.96 10.97
CA THR A 21 21.15 9.17 10.46
C THR A 21 20.78 8.47 9.14
N VAL A 22 19.60 7.86 9.12
CA VAL A 22 19.11 7.14 7.93
C VAL A 22 18.94 8.12 6.76
N LYS A 23 18.35 9.28 7.03
CA LYS A 23 18.15 10.27 5.97
C LYS A 23 19.49 10.73 5.41
N HIS A 24 20.49 10.91 6.28
CA HIS A 24 21.80 11.34 5.82
C HIS A 24 22.48 10.27 4.99
N LEU A 25 22.42 9.02 5.46
CA LEU A 25 23.06 7.94 4.72
C LEU A 25 22.38 7.75 3.37
N CYS A 26 21.05 7.81 3.34
CA CYS A 26 20.32 7.69 2.08
C CYS A 26 20.66 8.82 1.12
N GLY A 27 20.91 10.01 1.65
CA GLY A 27 21.29 11.14 0.83
C GLY A 27 22.58 10.87 0.07
N ASP A 28 23.47 10.11 0.69
CA ASP A 28 24.71 9.75 0.02
C ASP A 28 24.57 8.55 -0.89
N TRP A 29 23.74 7.57 -0.51
CA TRP A 29 23.61 6.33 -1.26
C TRP A 29 22.72 6.41 -2.48
N PHE A 30 21.65 7.18 -2.39
CA PHE A 30 20.61 7.20 -3.42
C PHE A 30 20.31 8.62 -3.87
N PRO A 31 20.46 8.88 -5.18
CA PRO A 31 20.19 10.25 -5.67
C PRO A 31 18.70 10.50 -5.86
N ILE A 32 17.90 10.15 -4.84
CA ILE A 32 16.46 10.22 -4.90
C ILE A 32 15.96 10.95 -3.66
N GLU A 33 14.99 11.84 -3.82
CA GLU A 33 14.48 12.58 -2.69
C GLU A 33 13.27 11.89 -2.09
N TYR A 34 13.50 11.16 -1.01
CA TYR A 34 12.41 10.56 -0.27
C TYR A 34 11.88 11.57 0.73
N PRO A 35 10.54 11.61 0.90
CA PRO A 35 9.94 12.55 1.85
C PRO A 35 10.12 12.10 3.30
N ASP A 36 10.01 13.03 4.25
CA ASP A 36 10.15 12.70 5.66
C ASP A 36 9.14 11.65 6.12
N SER A 37 7.99 11.60 5.48
CA SER A 37 6.95 10.64 5.87
C SER A 37 7.42 9.21 5.60
N TRP A 38 8.31 9.07 4.61
CA TRP A 38 8.85 7.77 4.24
C TRP A 38 9.85 7.28 5.30
N TYR A 39 10.72 8.17 5.73
CA TYR A 39 11.67 7.84 6.79
C TYR A 39 10.93 7.53 8.09
N ARG A 40 9.85 8.26 8.35
CA ARG A 40 9.00 7.94 9.50
C ARG A 40 8.43 6.53 9.36
N ASP A 41 7.96 6.18 8.16
CA ASP A 41 7.33 4.90 7.94
C ASP A 41 8.32 3.75 8.09
N ILE A 42 9.48 3.86 7.47
CA ILE A 42 10.39 2.70 7.49
C ILE A 42 11.06 2.50 8.84
N THR A 43 11.07 3.54 9.68
CA THR A 43 11.68 3.38 10.99
C THR A 43 10.69 3.01 12.09
N SER A 44 9.40 3.03 11.78
CA SER A 44 8.38 2.81 12.81
C SER A 44 7.37 1.72 12.47
N ASN A 45 6.99 1.61 11.19
CA ASN A 45 5.96 0.67 10.78
C ASN A 45 6.46 -0.76 10.76
N LYS A 46 5.81 -1.64 11.52
CA LYS A 46 6.28 -3.02 11.66
C LYS A 46 6.00 -3.86 10.41
N LYS A 47 5.30 -3.28 9.44
CA LYS A 47 5.09 -3.97 8.18
C LYS A 47 6.39 -4.06 7.40
N PHE A 48 7.37 -3.23 7.76
CA PHE A 48 8.70 -3.30 7.15
C PHE A 48 9.69 -4.12 7.96
N PHE A 49 10.56 -4.80 7.25
CA PHE A 49 11.79 -5.35 7.82
C PHE A 49 12.89 -4.35 7.53
N SER A 50 13.19 -3.51 8.51
CA SER A 50 14.17 -2.44 8.33
C SER A 50 15.37 -2.73 9.20
N LEU A 51 16.43 -3.21 8.59
CA LEU A 51 17.55 -3.78 9.33
C LEU A 51 18.82 -2.98 9.11
N ALA A 52 19.47 -2.58 10.21
CA ALA A 52 20.74 -1.86 10.11
C ALA A 52 21.93 -2.76 10.42
N ALA A 53 23.02 -2.54 9.69
CA ALA A 53 24.32 -3.07 10.08
C ALA A 53 25.06 -1.98 10.83
N THR A 54 25.67 -2.33 11.95
CA THR A 54 26.38 -1.31 12.72
C THR A 54 27.82 -1.72 12.98
N TYR A 55 28.67 -0.71 13.10
CA TYR A 55 30.09 -0.91 13.33
C TYR A 55 30.52 0.08 14.39
N ARG A 56 31.04 -0.44 15.50
CA ARG A 56 31.48 0.38 16.63
C ARG A 56 30.47 1.46 16.97
N GLY A 57 29.21 1.07 16.98
CA GLY A 57 28.13 1.94 17.38
C GLY A 57 27.29 2.46 16.22
N ALA A 58 27.95 2.81 15.12
CA ALA A 58 27.28 3.58 14.09
C ALA A 58 26.77 2.72 12.94
N ILE A 59 25.67 3.18 12.35
CA ILE A 59 25.09 2.51 11.20
C ILE A 59 26.00 2.63 9.98
N VAL A 60 26.34 1.50 9.37
CA VAL A 60 27.18 1.53 8.18
C VAL A 60 26.49 0.85 6.99
N GLY A 61 25.26 0.37 7.20
CA GLY A 61 24.51 -0.22 6.10
C GLY A 61 23.09 -0.48 6.52
N MET A 62 22.19 -0.59 5.55
CA MET A 62 20.84 -1.01 5.89
CA MET A 62 20.82 -0.98 5.88
C MET A 62 20.15 -1.68 4.71
N ILE A 63 19.16 -2.51 5.04
CA ILE A 63 18.26 -3.05 4.04
C ILE A 63 16.85 -2.79 4.56
N VAL A 64 15.98 -2.36 3.68
CA VAL A 64 14.59 -2.15 4.04
C VAL A 64 13.75 -2.94 3.06
N ALA A 65 12.90 -3.82 3.58
CA ALA A 65 12.10 -4.68 2.73
C ALA A 65 10.67 -4.79 3.23
N GLU A 66 9.76 -5.21 2.37
CA GLU A 66 8.38 -5.47 2.77
C GLU A 66 7.91 -6.79 2.22
N ILE A 67 7.49 -7.70 3.11
CA ILE A 67 6.85 -8.94 2.70
C ILE A 67 5.36 -8.66 2.53
N LYS A 68 4.82 -9.02 1.38
CA LYS A 68 3.43 -8.67 1.07
C LYS A 68 2.79 -9.67 0.12
N ASN A 69 1.46 -9.67 0.09
CA ASN A 69 0.77 -10.58 -0.80
C ASN A 69 1.00 -10.18 -2.25
N ARG A 70 0.96 -11.17 -3.13
CA ARG A 70 1.16 -10.97 -4.57
C ARG A 70 0.28 -9.85 -5.15
N THR A 71 -0.89 -9.64 -4.57
CA THR A 71 -1.81 -8.65 -5.08
C THR A 71 -1.30 -7.22 -4.89
N LYS A 72 -0.28 -7.07 -4.05
CA LYS A 72 0.27 -5.74 -3.74
C LYS A 72 1.42 -5.33 -4.66
N ILE A 73 1.82 -6.23 -5.57
CA ILE A 73 2.84 -5.88 -6.55
C ILE A 73 2.27 -4.87 -7.54
N HIS A 74 3.02 -3.80 -7.79
CA HIS A 74 2.57 -2.76 -8.70
C HIS A 74 2.53 -3.28 -10.13
N LYS A 75 1.72 -2.64 -10.96
CA LYS A 75 1.39 -3.16 -12.28
C LYS A 75 2.61 -3.38 -13.16
N GLU A 76 3.63 -2.55 -12.99
CA GLU A 76 4.81 -2.66 -13.85
C GLU A 76 5.55 -3.98 -13.63
N ASP A 77 5.30 -4.65 -12.51
CA ASP A 77 5.95 -5.92 -12.22
C ASP A 77 4.94 -7.03 -11.92
N GLY A 78 3.70 -6.80 -12.33
CA GLY A 78 2.62 -7.71 -12.06
C GLY A 78 2.82 -9.12 -12.57
N ASP A 79 3.82 -9.33 -13.43
CA ASP A 79 4.03 -10.65 -14.02
C ASP A 79 5.14 -11.50 -13.37
N ILE A 80 5.76 -11.02 -12.29
CA ILE A 80 6.84 -11.80 -11.71
C ILE A 80 6.38 -13.15 -11.18
N LEU A 81 5.09 -13.29 -10.91
CA LEU A 81 4.55 -14.57 -10.46
C LEU A 81 3.61 -15.23 -11.48
N ALA A 82 3.84 -14.94 -12.77
CA ALA A 82 2.96 -15.40 -13.83
C ALA A 82 2.79 -16.93 -13.88
N SER A 83 3.82 -17.66 -13.44
CA SER A 83 3.75 -19.12 -13.46
C SER A 83 3.36 -19.70 -12.10
N ASN A 84 3.02 -18.83 -11.15
CA ASN A 84 2.57 -19.24 -9.83
C ASN A 84 1.10 -18.89 -9.66
N PHE A 85 0.27 -19.91 -9.43
CA PHE A 85 -1.18 -19.73 -9.44
C PHE A 85 -1.80 -19.68 -8.04
N SER A 86 -0.96 -19.73 -7.00
CA SER A 86 -1.47 -19.75 -5.64
C SER A 86 -1.84 -18.35 -5.16
N VAL A 87 -3.02 -18.23 -4.58
CA VAL A 87 -3.53 -16.95 -4.11
C VAL A 87 -2.86 -16.48 -2.83
N ASP A 88 -2.18 -17.40 -2.14
CA ASP A 88 -1.54 -17.08 -0.86
C ASP A 88 -0.11 -16.62 -1.04
N THR A 89 0.38 -16.68 -2.28
CA THR A 89 1.76 -16.37 -2.57
C THR A 89 2.13 -14.95 -2.14
N GLN A 90 3.26 -14.87 -1.45
CA GLN A 90 3.80 -13.58 -1.04
C GLN A 90 5.08 -13.31 -1.79
N VAL A 91 5.50 -12.04 -1.75
CA VAL A 91 6.81 -11.64 -2.24
C VAL A 91 7.42 -10.68 -1.26
N ALA A 92 8.74 -10.51 -1.37
CA ALA A 92 9.45 -9.51 -0.57
C ALA A 92 10.03 -8.47 -1.50
N TYR A 93 9.66 -7.21 -1.32
CA TYR A 93 10.20 -6.11 -2.11
C TYR A 93 11.32 -5.45 -1.31
N ILE A 94 12.51 -5.34 -1.91
CA ILE A 94 13.59 -4.57 -1.30
C ILE A 94 13.44 -3.10 -1.70
N LEU A 95 13.08 -2.26 -0.74
CA LEU A 95 12.91 -0.84 -0.97
C LEU A 95 14.23 -0.11 -1.03
N SER A 96 15.20 -0.60 -0.27
N SER A 96 15.19 -0.58 -0.25
CA SER A 96 16.47 0.09 -0.12
CA SER A 96 16.48 0.10 -0.09
C SER A 96 17.56 -0.84 0.39
C SER A 96 17.55 -0.89 0.36
N LEU A 97 18.75 -0.76 -0.21
CA LEU A 97 19.91 -1.52 0.24
C LEU A 97 21.13 -0.65 0.01
N GLY A 98 21.91 -0.38 1.06
CA GLY A 98 23.08 0.43 0.90
C GLY A 98 24.08 0.20 2.01
N VAL A 99 25.34 0.48 1.71
CA VAL A 99 26.44 0.31 2.64
C VAL A 99 27.34 1.54 2.51
N VAL A 100 27.81 2.09 3.62
CA VAL A 100 28.73 3.23 3.57
C VAL A 100 29.94 2.92 2.67
N LYS A 101 30.31 3.86 1.80
CA LYS A 101 31.32 3.65 0.77
C LYS A 101 32.57 2.90 1.22
N GLU A 102 33.21 3.41 2.27
CA GLU A 102 34.46 2.87 2.80
C GLU A 102 34.32 1.44 3.31
N PHE A 103 33.08 1.02 3.59
CA PHE A 103 32.83 -0.29 4.16
C PHE A 103 32.40 -1.34 3.14
N ARG A 104 32.26 -0.90 1.89
CA ARG A 104 31.89 -1.81 0.81
C ARG A 104 32.96 -2.85 0.55
N LYS A 105 32.56 -3.92 -0.13
CA LYS A 105 33.43 -5.04 -0.47
C LYS A 105 34.02 -5.72 0.78
N HIS A 106 33.26 -5.73 1.87
CA HIS A 106 33.67 -6.46 3.07
C HIS A 106 32.63 -7.49 3.47
N GLY A 107 31.60 -7.65 2.64
CA GLY A 107 30.57 -8.65 2.89
C GLY A 107 29.34 -8.15 3.63
N ILE A 108 29.27 -6.85 3.86
CA ILE A 108 28.16 -6.33 4.63
C ILE A 108 26.85 -6.35 3.82
N GLY A 109 26.91 -5.96 2.55
CA GLY A 109 25.74 -6.03 1.68
C GLY A 109 25.24 -7.45 1.62
N SER A 110 26.17 -8.39 1.49
CA SER A 110 25.83 -9.82 1.44
C SER A 110 25.13 -10.25 2.72
N LEU A 111 25.63 -9.75 3.86
CA LEU A 111 25.05 -10.08 5.15
C LEU A 111 23.63 -9.53 5.28
N LEU A 112 23.42 -8.31 4.79
CA LEU A 112 22.10 -7.71 4.84
C LEU A 112 21.10 -8.50 3.99
N LEU A 113 21.52 -8.88 2.78
CA LEU A 113 20.67 -9.68 1.89
C LEU A 113 20.36 -11.04 2.53
N GLU A 114 21.40 -11.70 3.03
CA GLU A 114 21.22 -13.00 3.68
C GLU A 114 20.30 -12.89 4.87
N SER A 115 20.43 -11.79 5.62
CA SER A 115 19.55 -11.59 6.77
C SER A 115 18.09 -11.44 6.35
N LEU A 116 17.81 -10.72 5.26
CA LEU A 116 16.45 -10.70 4.73
C LEU A 116 15.95 -12.11 4.42
N LYS A 117 16.78 -12.92 3.76
CA LYS A 117 16.40 -14.30 3.43
C LYS A 117 16.12 -15.09 4.70
N ASP A 118 16.94 -14.90 5.73
CA ASP A 118 16.74 -15.58 7.02
C ASP A 118 15.43 -15.17 7.69
N HIS A 119 15.13 -13.88 7.60
CA HIS A 119 13.89 -13.35 8.15
C HIS A 119 12.69 -13.95 7.41
N ILE A 120 12.80 -14.04 6.09
CA ILE A 120 11.74 -14.65 5.30
C ILE A 120 11.56 -16.11 5.69
N SER A 121 12.67 -16.84 5.79
CA SER A 121 12.63 -18.26 6.17
C SER A 121 12.00 -18.46 7.56
N THR A 122 12.32 -17.55 8.48
CA THR A 122 11.79 -17.59 9.84
C THR A 122 10.30 -17.21 9.93
N THR A 123 9.89 -16.23 9.14
CA THR A 123 8.60 -15.56 9.32
C THR A 123 7.55 -15.93 8.27
N ALA A 124 7.99 -16.31 7.07
CA ALA A 124 7.10 -16.57 5.94
C ALA A 124 7.65 -17.70 5.05
N GLN A 125 8.11 -18.77 5.69
CA GLN A 125 8.82 -19.85 5.02
C GLN A 125 8.01 -20.55 3.93
N ASP A 126 6.71 -20.63 4.12
CA ASP A 126 5.90 -21.37 3.16
C ASP A 126 5.48 -20.54 1.96
N HIS A 127 5.05 -19.30 2.19
CA HIS A 127 4.33 -18.56 1.16
C HIS A 127 5.14 -17.55 0.37
N CYS A 128 6.25 -17.08 0.91
CA CYS A 128 7.01 -16.04 0.20
C CYS A 128 7.86 -16.68 -0.91
N LYS A 129 7.54 -16.36 -2.15
CA LYS A 129 8.15 -17.09 -3.26
C LYS A 129 9.15 -16.30 -4.10
N ALA A 130 9.28 -15.00 -3.86
CA ALA A 130 10.25 -14.22 -4.63
C ALA A 130 10.69 -13.00 -3.86
N ILE A 131 11.89 -12.52 -4.18
CA ILE A 131 12.42 -11.24 -3.72
C ILE A 131 12.67 -10.39 -4.96
N TYR A 132 12.20 -9.15 -4.96
CA TYR A 132 12.47 -8.30 -6.12
C TYR A 132 12.85 -6.89 -5.69
N LEU A 133 13.41 -6.14 -6.63
CA LEU A 133 13.97 -4.83 -6.35
C LEU A 133 14.09 -4.07 -7.65
N HIS A 134 14.31 -2.77 -7.53
CA HIS A 134 14.60 -1.93 -8.69
C HIS A 134 15.97 -1.31 -8.55
N VAL A 135 16.65 -1.11 -9.67
CA VAL A 135 17.98 -0.53 -9.68
C VAL A 135 18.15 0.35 -10.92
N LEU A 136 18.97 1.39 -10.83
CA LEU A 136 19.31 2.22 -11.99
C LEU A 136 20.05 1.37 -13.02
N THR A 137 19.77 1.56 -14.31
CA THR A 137 20.39 0.65 -15.30
C THR A 137 21.91 0.86 -15.40
N THR A 138 22.37 2.03 -14.93
CA THR A 138 23.79 2.38 -14.95
C THR A 138 24.56 1.92 -13.71
N ASN A 139 23.85 1.36 -12.74
CA ASN A 139 24.45 0.97 -11.46
C ASN A 139 25.11 -0.42 -11.58
N ASN A 140 26.23 -0.47 -12.28
CA ASN A 140 26.91 -1.73 -12.55
C ASN A 140 27.37 -2.44 -11.28
N THR A 141 27.78 -1.68 -10.27
CA THR A 141 28.22 -2.28 -9.02
C THR A 141 27.10 -3.10 -8.38
N ALA A 142 25.92 -2.49 -8.32
CA ALA A 142 24.76 -3.15 -7.72
C ALA A 142 24.29 -4.30 -8.60
N ILE A 143 24.27 -4.07 -9.91
CA ILE A 143 23.82 -5.12 -10.84
C ILE A 143 24.70 -6.38 -10.74
N ASN A 144 26.02 -6.19 -10.73
CA ASN A 144 26.93 -7.32 -10.56
C ASN A 144 26.74 -8.05 -9.24
N PHE A 145 26.52 -7.28 -8.18
CA PHE A 145 26.25 -7.83 -6.87
C PHE A 145 25.04 -8.76 -6.90
N TYR A 146 23.95 -8.27 -7.50
CA TYR A 146 22.73 -9.05 -7.55
C TYR A 146 22.84 -10.25 -8.49
N GLU A 147 23.43 -10.04 -9.67
CA GLU A 147 23.52 -11.13 -10.66
C GLU A 147 24.45 -12.23 -10.17
N ASN A 148 25.43 -11.87 -9.36
CA ASN A 148 26.30 -12.86 -8.73
C ASN A 148 25.63 -13.56 -7.57
N ARG A 149 24.44 -13.10 -7.20
CA ARG A 149 23.69 -13.67 -6.09
C ARG A 149 22.33 -14.22 -6.56
N ASP A 150 22.31 -14.63 -7.83
CA ASP A 150 21.23 -15.42 -8.43
C ASP A 150 19.97 -14.61 -8.78
N PHE A 151 20.04 -13.29 -8.61
CA PHE A 151 18.96 -12.45 -9.08
C PHE A 151 19.00 -12.40 -10.59
N LYS A 152 17.82 -12.42 -11.21
CA LYS A 152 17.71 -12.35 -12.65
C LYS A 152 17.03 -11.05 -13.08
N GLN A 153 17.51 -10.45 -14.17
CA GLN A 153 16.88 -9.26 -14.68
C GLN A 153 15.52 -9.65 -15.27
N HIS A 154 14.49 -8.89 -14.92
CA HIS A 154 13.13 -9.21 -15.35
C HIS A 154 12.42 -8.17 -16.19
N HIS A 155 12.59 -6.89 -15.89
CA HIS A 155 11.95 -5.84 -16.67
C HIS A 155 12.90 -4.69 -16.90
N TYR A 156 12.73 -4.05 -18.05
CA TYR A 156 13.35 -2.77 -18.34
C TYR A 156 12.30 -1.69 -18.15
N LEU A 157 12.66 -0.64 -17.41
CA LEU A 157 11.69 0.37 -17.00
C LEU A 157 12.14 1.75 -17.47
N PRO A 158 11.68 2.18 -18.65
CA PRO A 158 12.25 3.43 -19.18
C PRO A 158 11.83 4.63 -18.35
N TYR A 159 12.80 5.49 -18.03
CA TYR A 159 12.52 6.74 -17.31
C TYR A 159 11.73 6.48 -16.02
N TYR A 160 12.11 5.42 -15.32
CA TYR A 160 11.46 4.99 -14.09
C TYR A 160 11.77 5.91 -12.92
N TYR A 161 13.00 6.41 -12.91
CA TYR A 161 13.50 7.22 -11.81
C TYR A 161 13.55 8.70 -12.18
N SER A 162 13.30 9.56 -11.20
CA SER A 162 13.61 10.98 -11.33
C SER A 162 14.87 11.28 -10.52
N ILE A 163 15.97 11.55 -11.21
CA ILE A 163 17.25 11.73 -10.54
C ILE A 163 17.71 13.17 -10.70
N ARG A 164 17.54 13.96 -9.63
CA ARG A 164 17.91 15.37 -9.60
C ARG A 164 17.40 16.13 -10.83
N GLY A 165 16.10 15.95 -11.09
CA GLY A 165 15.39 16.67 -12.13
C GLY A 165 15.41 16.04 -13.51
N VAL A 166 16.08 14.91 -13.64
CA VAL A 166 16.21 14.25 -14.94
C VAL A 166 15.77 12.81 -14.82
N LEU A 167 15.03 12.32 -15.82
CA LEU A 167 14.55 10.94 -15.78
C LEU A 167 15.63 9.95 -16.19
N LYS A 168 15.64 8.79 -15.53
CA LYS A 168 16.62 7.76 -15.80
C LYS A 168 15.97 6.37 -15.79
N ASP A 169 16.51 5.46 -16.59
CA ASP A 169 15.96 4.11 -16.71
C ASP A 169 16.26 3.23 -15.49
N GLY A 170 15.38 2.24 -15.27
CA GLY A 170 15.60 1.24 -14.23
C GLY A 170 15.44 -0.20 -14.72
N PHE A 171 15.96 -1.14 -13.93
CA PHE A 171 15.68 -2.57 -14.10
C PHE A 171 14.90 -3.09 -12.90
N THR A 172 14.07 -4.10 -13.14
CA THR A 172 13.57 -4.95 -12.07
C THR A 172 14.43 -6.20 -12.01
N TYR A 173 14.89 -6.57 -10.82
CA TYR A 173 15.59 -7.84 -10.60
C TYR A 173 14.77 -8.71 -9.68
N VAL A 174 14.79 -10.03 -9.94
CA VAL A 174 13.98 -10.96 -9.18
C VAL A 174 14.78 -12.21 -8.82
N LEU A 175 14.62 -12.65 -7.57
CA LEU A 175 15.15 -13.92 -7.12
C LEU A 175 13.99 -14.80 -6.66
N TYR A 176 13.83 -15.98 -7.29
CA TYR A 176 12.79 -16.88 -6.81
C TYR A 176 13.30 -17.73 -5.66
N ILE A 177 12.45 -17.89 -4.65
CA ILE A 177 12.78 -18.64 -3.44
C ILE A 177 11.69 -19.68 -3.10
N ASN A 178 12.09 -20.67 -2.29
CA ASN A 178 11.20 -21.77 -1.90
C ASN A 178 10.40 -22.32 -3.09
N GLY A 179 11.08 -22.55 -4.20
CA GLY A 179 10.47 -23.15 -5.38
C GLY A 179 9.80 -22.20 -6.36
N GLY A 180 9.63 -20.94 -5.96
CA GLY A 180 8.93 -19.98 -6.80
C GLY A 180 7.44 -20.21 -6.84
N VAL B 1 -39.31 -2.58 3.50
CA VAL B 1 -38.79 -2.36 4.85
C VAL B 1 -39.56 -1.24 5.54
N PRO B 2 -39.81 -1.38 6.85
CA PRO B 2 -40.54 -0.34 7.60
C PRO B 2 -39.83 1.00 7.57
N SER B 3 -40.58 2.10 7.58
CA SER B 3 -40.00 3.43 7.54
C SER B 3 -39.39 3.82 8.89
N SER B 4 -39.46 2.88 9.84
CA SER B 4 -38.86 3.07 11.16
C SER B 4 -37.54 2.31 11.28
N ALA B 5 -37.07 1.75 10.16
CA ALA B 5 -35.92 0.85 10.17
C ALA B 5 -34.63 1.52 10.64
N LEU B 6 -34.43 2.78 10.26
CA LEU B 6 -33.19 3.47 10.60
C LEU B 6 -32.98 3.56 12.11
N SER B 7 -34.07 3.73 12.85
CA SER B 7 -33.98 3.85 14.31
C SER B 7 -33.48 2.57 14.98
N GLU B 8 -33.68 1.41 14.34
CA GLU B 8 -33.19 0.16 14.93
C GLU B 8 -31.89 -0.32 14.32
N VAL B 9 -31.29 0.49 13.45
CA VAL B 9 -30.03 0.12 12.84
C VAL B 9 -28.91 0.42 13.85
N SER B 10 -27.99 -0.53 14.01
CA SER B 10 -26.81 -0.32 14.82
C SER B 10 -25.54 -0.40 13.98
N LEU B 11 -24.43 0.01 14.57
CA LEU B 11 -23.15 -0.03 13.90
C LEU B 11 -22.11 -0.82 14.66
N ARG B 12 -21.25 -1.51 13.92
CA ARG B 12 -20.11 -2.20 14.50
C ARG B 12 -19.03 -2.39 13.45
N LEU B 13 -17.80 -2.54 13.90
CA LEU B 13 -16.71 -2.79 12.99
C LEU B 13 -16.79 -4.24 12.49
N LEU B 14 -16.31 -4.47 11.28
CA LEU B 14 -16.24 -5.82 10.76
C LEU B 14 -15.22 -6.62 11.55
N CYS B 15 -15.43 -7.93 11.60
CA CYS B 15 -14.45 -8.84 12.18
C CYS B 15 -14.22 -10.04 11.25
N HIS B 16 -13.24 -10.86 11.61
CA HIS B 16 -12.89 -12.05 10.86
C HIS B 16 -14.08 -12.93 10.54
N ASP B 17 -14.97 -13.10 11.52
CA ASP B 17 -16.11 -14.00 11.34
C ASP B 17 -17.14 -13.52 10.32
N ASP B 18 -16.98 -12.28 9.85
CA ASP B 18 -17.91 -11.68 8.89
C ASP B 18 -17.56 -11.99 7.45
N ILE B 19 -16.40 -12.59 7.21
CA ILE B 19 -15.90 -12.76 5.84
C ILE B 19 -16.93 -13.34 4.87
N ASP B 20 -17.59 -14.43 5.26
CA ASP B 20 -18.52 -15.06 4.33
C ASP B 20 -19.72 -14.17 4.02
N THR B 21 -20.27 -13.53 5.04
CA THR B 21 -21.40 -12.61 4.87
C THR B 21 -21.00 -11.42 3.99
N VAL B 22 -19.83 -10.86 4.27
CA VAL B 22 -19.31 -9.71 3.52
C VAL B 22 -19.09 -10.09 2.05
N LYS B 23 -18.51 -11.28 1.81
CA LYS B 23 -18.26 -11.72 0.45
C LYS B 23 -19.57 -11.88 -0.31
N HIS B 24 -20.59 -12.42 0.36
CA HIS B 24 -21.89 -12.59 -0.29
C HIS B 24 -22.54 -11.25 -0.60
N LEU B 25 -22.52 -10.33 0.36
CA LEU B 25 -23.14 -9.04 0.14
C LEU B 25 -22.42 -8.29 -0.99
N CYS B 26 -21.08 -8.32 -0.99
CA CYS B 26 -20.32 -7.68 -2.06
C CYS B 26 -20.63 -8.29 -3.43
N GLY B 27 -20.87 -9.59 -3.47
CA GLY B 27 -21.20 -10.25 -4.73
C GLY B 27 -22.47 -9.67 -5.34
N ASP B 28 -23.39 -9.26 -4.48
CA ASP B 28 -24.61 -8.64 -4.95
C ASP B 28 -24.47 -7.16 -5.24
N TRP B 29 -23.64 -6.46 -4.43
CA TRP B 29 -23.50 -5.02 -4.57
C TRP B 29 -22.59 -4.60 -5.69
N PHE B 30 -21.51 -5.35 -5.91
CA PHE B 30 -20.45 -4.94 -6.82
C PHE B 30 -20.13 -6.02 -7.84
N PRO B 31 -20.22 -5.68 -9.13
CA PRO B 31 -19.93 -6.71 -10.14
C PRO B 31 -18.43 -6.88 -10.37
N ILE B 32 -17.68 -6.98 -9.27
CA ILE B 32 -16.22 -7.03 -9.32
C ILE B 32 -15.76 -8.22 -8.49
N GLU B 33 -14.78 -8.96 -9.00
CA GLU B 33 -14.33 -10.12 -8.26
C GLU B 33 -13.14 -9.77 -7.39
N TYR B 34 -13.41 -9.57 -6.11
CA TYR B 34 -12.33 -9.36 -5.15
C TYR B 34 -11.81 -10.71 -4.66
N PRO B 35 -10.50 -10.83 -4.49
CA PRO B 35 -9.92 -12.10 -3.99
C PRO B 35 -10.14 -12.29 -2.50
N ASP B 36 -10.06 -13.54 -2.03
CA ASP B 36 -10.26 -13.84 -0.62
C ASP B 36 -9.28 -13.10 0.30
N SER B 37 -8.10 -12.80 -0.21
CA SER B 37 -7.10 -12.11 0.58
C SER B 37 -7.57 -10.69 0.91
N TRP B 38 -8.41 -10.13 0.04
CA TRP B 38 -8.94 -8.78 0.25
C TRP B 38 -9.97 -8.77 1.36
N TYR B 39 -10.85 -9.76 1.35
CA TYR B 39 -11.85 -9.90 2.41
C TYR B 39 -11.15 -10.18 3.73
N ARG B 40 -10.07 -10.95 3.68
CA ARG B 40 -9.27 -11.17 4.87
C ARG B 40 -8.68 -9.84 5.38
N ASP B 41 -8.17 -9.02 4.46
CA ASP B 41 -7.54 -7.76 4.84
C ASP B 41 -8.54 -6.78 5.43
N ILE B 42 -9.69 -6.61 4.78
CA ILE B 42 -10.61 -5.57 5.24
C ILE B 42 -11.31 -5.96 6.54
N THR B 43 -11.35 -7.24 6.86
CA THR B 43 -11.99 -7.65 8.11
C THR B 43 -11.03 -7.79 9.28
N SER B 44 -9.72 -7.69 9.03
CA SER B 44 -8.73 -7.94 10.08
C SER B 44 -7.71 -6.81 10.27
N ASN B 45 -7.30 -6.17 9.18
CA ASN B 45 -6.26 -5.16 9.23
C ASN B 45 -6.78 -3.85 9.82
N LYS B 46 -6.17 -3.40 10.91
CA LYS B 46 -6.65 -2.22 11.62
C LYS B 46 -6.34 -0.93 10.86
N LYS B 47 -5.61 -1.03 9.75
CA LYS B 47 -5.37 0.14 8.92
C LYS B 47 -6.65 0.56 8.24
N PHE B 48 -7.63 -0.33 8.17
CA PHE B 48 -8.93 0.02 7.61
C PHE B 48 -9.96 0.43 8.65
N PHE B 49 -10.82 1.35 8.26
CA PHE B 49 -12.07 1.61 8.97
C PHE B 49 -13.15 0.82 8.24
N SER B 50 -13.49 -0.35 8.77
CA SER B 50 -14.44 -1.23 8.12
C SER B 50 -15.68 -1.35 9.00
N LEU B 51 -16.73 -0.66 8.60
CA LEU B 51 -17.87 -0.44 9.47
C LEU B 51 -19.13 -1.06 8.90
N ALA B 52 -19.80 -1.88 9.70
CA ALA B 52 -21.06 -2.48 9.27
C ALA B 52 -22.27 -1.79 9.89
N ALA B 53 -23.33 -1.66 9.11
CA ALA B 53 -24.65 -1.33 9.63
C ALA B 53 -25.41 -2.63 9.81
N THR B 54 -26.05 -2.78 10.97
CA THR B 54 -26.78 -4.02 11.22
C THR B 54 -28.24 -3.77 11.59
N TYR B 55 -29.09 -4.73 11.24
CA TYR B 55 -30.52 -4.64 11.49
C TYR B 55 -30.97 -5.99 12.00
N ARG B 56 -31.52 -6.01 13.22
CA ARG B 56 -32.00 -7.23 13.85
C ARG B 56 -31.00 -8.38 13.72
N GLY B 57 -29.74 -8.05 13.95
CA GLY B 57 -28.68 -9.03 13.97
C GLY B 57 -27.79 -9.01 12.74
N ALA B 58 -28.39 -8.83 11.57
CA ALA B 58 -27.67 -9.07 10.32
C ALA B 58 -27.13 -7.81 9.68
N ILE B 59 -26.01 -7.97 8.99
CA ILE B 59 -25.40 -6.87 8.25
C ILE B 59 -26.27 -6.46 7.06
N VAL B 60 -26.61 -5.17 6.98
CA VAL B 60 -27.40 -4.68 5.87
C VAL B 60 -26.68 -3.57 5.11
N GLY B 61 -25.46 -3.23 5.54
CA GLY B 61 -24.68 -2.25 4.81
C GLY B 61 -23.28 -2.18 5.35
N MET B 62 -22.34 -1.69 4.55
N MET B 62 -22.36 -1.65 4.56
CA MET B 62 -20.98 -1.49 5.05
CA MET B 62 -21.02 -1.40 5.08
C MET B 62 -20.25 -0.39 4.29
C MET B 62 -20.33 -0.29 4.33
N ILE B 63 -19.31 0.25 4.98
CA ILE B 63 -18.38 1.18 4.36
C ILE B 63 -16.99 0.72 4.78
N VAL B 64 -16.09 0.69 3.82
CA VAL B 64 -14.71 0.33 4.10
C VAL B 64 -13.85 1.44 3.58
N ALA B 65 -13.03 2.00 4.46
CA ALA B 65 -12.20 3.15 4.08
C ALA B 65 -10.79 3.04 4.64
N GLU B 66 -9.86 3.78 4.05
CA GLU B 66 -8.50 3.83 4.57
C GLU B 66 -8.01 5.27 4.65
N ILE B 67 -7.63 5.70 5.86
CA ILE B 67 -6.98 6.99 6.05
C ILE B 67 -5.49 6.79 5.82
N LYS B 68 -4.91 7.60 4.94
CA LYS B 68 -3.52 7.42 4.53
C LYS B 68 -2.87 8.72 4.13
N ASN B 69 -1.54 8.72 4.13
CA ASN B 69 -0.83 9.91 3.73
C ASN B 69 -1.00 10.18 2.24
N ARG B 70 -0.94 11.45 1.87
CA ARG B 70 -1.09 11.88 0.47
C ARG B 70 -0.20 11.12 -0.49
N THR B 71 0.96 10.68 -0.01
CA THR B 71 1.91 9.98 -0.87
C THR B 71 1.39 8.60 -1.29
N LYS B 72 0.33 8.13 -0.63
CA LYS B 72 -0.21 6.80 -0.91
C LYS B 72 -1.32 6.82 -1.97
N ILE B 73 -1.69 8.01 -2.43
CA ILE B 73 -2.67 8.13 -3.51
C ILE B 73 -2.07 7.60 -4.81
N HIS B 74 -2.83 6.77 -5.52
CA HIS B 74 -2.34 6.20 -6.78
C HIS B 74 -2.22 7.30 -7.83
N LYS B 75 -1.38 7.05 -8.83
CA LYS B 75 -1.00 8.09 -9.78
C LYS B 75 -2.19 8.69 -10.52
N GLU B 76 -3.21 7.89 -10.77
CA GLU B 76 -4.35 8.37 -11.54
C GLU B 76 -5.12 9.48 -10.80
N ASP B 77 -4.93 9.60 -9.49
CA ASP B 77 -5.60 10.64 -8.72
C ASP B 77 -4.62 11.51 -7.95
N GLY B 78 -3.36 11.47 -8.37
CA GLY B 78 -2.28 12.20 -7.71
C GLY B 78 -2.46 13.70 -7.61
N ASP B 79 -3.44 14.26 -8.32
CA ASP B 79 -3.64 15.70 -8.30
C ASP B 79 -4.75 16.16 -7.35
N ILE B 80 -5.27 15.22 -6.55
CA ILE B 80 -6.36 15.51 -5.64
C ILE B 80 -6.00 16.60 -4.65
N LEU B 81 -4.72 16.69 -4.34
CA LEU B 81 -4.23 17.70 -3.40
C LEU B 81 -3.31 18.73 -4.02
N ALA B 82 -3.50 19.02 -5.30
CA ALA B 82 -2.61 19.90 -6.05
C ALA B 82 -2.46 21.29 -5.44
N SER B 83 -3.50 21.76 -4.75
CA SER B 83 -3.47 23.08 -4.11
C SER B 83 -3.14 23.02 -2.62
N ASN B 84 -2.82 21.83 -2.12
CA ASN B 84 -2.44 21.64 -0.73
C ASN B 84 -0.95 21.28 -0.65
N PHE B 85 -0.18 22.12 0.04
CA PHE B 85 1.27 21.99 0.02
C PHE B 85 1.88 21.32 1.25
N SER B 86 1.03 20.86 2.17
CA SER B 86 1.52 20.24 3.40
C SER B 86 1.92 18.79 3.20
N VAL B 87 3.09 18.42 3.71
CA VAL B 87 3.58 17.05 3.57
C VAL B 87 2.85 16.08 4.50
N ASP B 88 2.15 16.64 5.49
CA ASP B 88 1.47 15.82 6.49
C ASP B 88 0.03 15.49 6.12
N THR B 89 -0.43 16.07 5.02
CA THR B 89 -1.81 15.92 4.59
C THR B 89 -2.19 14.44 4.37
N GLN B 90 -3.33 14.07 4.93
CA GLN B 90 -3.87 12.75 4.74
C GLN B 90 -5.12 12.84 3.90
N VAL B 91 -5.54 11.68 3.37
CA VAL B 91 -6.82 11.56 2.71
C VAL B 91 -7.45 10.26 3.17
N ALA B 92 -8.76 10.15 2.96
CA ALA B 92 -9.46 8.90 3.24
C ALA B 92 -10.02 8.36 1.93
N TYR B 93 -9.63 7.14 1.58
CA TYR B 93 -10.17 6.50 0.39
C TYR B 93 -11.30 5.57 0.78
N ILE B 94 -12.46 5.73 0.17
CA ILE B 94 -13.55 4.78 0.34
C ILE B 94 -13.39 3.64 -0.63
N LEU B 95 -13.05 2.45 -0.11
CA LEU B 95 -12.87 1.26 -0.94
C LEU B 95 -14.19 0.65 -1.35
N SER B 96 -15.18 0.77 -0.48
CA SER B 96 -16.44 0.08 -0.66
CA SER B 96 -16.45 0.07 -0.65
C SER B 96 -17.55 0.77 0.14
N LEU B 97 -18.71 0.93 -0.47
CA LEU B 97 -19.90 1.41 0.21
C LEU B 97 -21.11 0.74 -0.39
N GLY B 98 -21.92 0.06 0.42
CA GLY B 98 -23.10 -0.60 -0.11
C GLY B 98 -24.13 -0.87 0.97
N VAL B 99 -25.38 -0.98 0.53
CA VAL B 99 -26.51 -1.23 1.42
C VAL B 99 -27.40 -2.26 0.73
N VAL B 100 -27.91 -3.24 1.49
CA VAL B 100 -28.82 -4.24 0.92
C VAL B 100 -29.99 -3.56 0.20
N LYS B 101 -30.33 -4.06 -0.99
CA LYS B 101 -31.29 -3.39 -1.89
C LYS B 101 -32.57 -2.90 -1.20
N GLU B 102 -33.28 -3.78 -0.52
CA GLU B 102 -34.54 -3.41 0.12
C GLU B 102 -34.40 -2.39 1.24
N PHE B 103 -33.17 -2.18 1.74
CA PHE B 103 -32.95 -1.26 2.84
C PHE B 103 -32.49 0.10 2.38
N ARG B 104 -32.31 0.23 1.07
CA ARG B 104 -31.91 1.52 0.49
C ARG B 104 -32.98 2.59 0.68
N LYS B 105 -32.56 3.85 0.55
CA LYS B 105 -33.43 5.01 0.70
C LYS B 105 -34.07 5.10 2.08
N HIS B 106 -33.34 4.64 3.09
CA HIS B 106 -33.79 4.79 4.48
C HIS B 106 -32.76 5.54 5.31
N GLY B 107 -31.73 6.04 4.65
CA GLY B 107 -30.72 6.83 5.33
C GLY B 107 -29.51 6.06 5.81
N ILE B 108 -29.43 4.78 5.45
CA ILE B 108 -28.34 3.96 5.95
C ILE B 108 -27.00 4.33 5.27
N GLY B 109 -27.02 4.52 3.96
CA GLY B 109 -25.81 4.93 3.25
C GLY B 109 -25.32 6.24 3.82
N SER B 110 -26.24 7.16 4.06
CA SER B 110 -25.91 8.46 4.63
C SER B 110 -25.27 8.29 6.01
N LEU B 111 -25.81 7.35 6.79
CA LEU B 111 -25.30 7.10 8.12
C LEU B 111 -23.87 6.54 8.07
N LEU B 112 -23.61 5.65 7.12
CA LEU B 112 -22.28 5.06 6.96
C LEU B 112 -21.26 6.13 6.57
N LEU B 113 -21.64 6.99 5.64
CA LEU B 113 -20.78 8.09 5.20
C LEU B 113 -20.51 9.05 6.35
N GLU B 114 -21.56 9.44 7.06
CA GLU B 114 -21.42 10.34 8.19
C GLU B 114 -20.54 9.73 9.26
N SER B 115 -20.67 8.42 9.45
CA SER B 115 -19.83 7.75 10.43
C SER B 115 -18.35 7.76 10.06
N LEU B 116 -18.04 7.58 8.77
CA LEU B 116 -16.65 7.76 8.33
C LEU B 116 -16.17 9.18 8.66
N LYS B 117 -16.99 10.19 8.38
CA LYS B 117 -16.62 11.59 8.70
C LYS B 117 -16.36 11.77 10.18
N ASP B 118 -17.23 11.17 11.00
CA ASP B 118 -17.07 11.23 12.46
C ASP B 118 -15.78 10.55 12.94
N HIS B 119 -15.45 9.43 12.32
CA HIS B 119 -14.22 8.71 12.62
C HIS B 119 -13.01 9.56 12.24
N ILE B 120 -13.09 10.19 11.09
CA ILE B 120 -12.00 11.08 10.65
C ILE B 120 -11.85 12.24 11.65
N SER B 121 -12.97 12.84 12.03
CA SER B 121 -12.97 13.97 12.99
C SER B 121 -12.38 13.55 14.34
N THR B 122 -12.71 12.33 14.77
CA THR B 122 -12.22 11.78 16.03
C THR B 122 -10.75 11.39 15.99
N THR B 123 -10.30 10.84 14.85
CA THR B 123 -9.02 10.15 14.78
C THR B 123 -7.93 10.94 14.04
N ALA B 124 -8.32 11.80 13.09
CA ALA B 124 -7.40 12.51 12.22
C ALA B 124 -7.95 13.91 11.86
N GLN B 125 -8.45 14.61 12.87
CA GLN B 125 -9.17 15.87 12.69
C GLN B 125 -8.32 16.96 12.03
N ASP B 126 -7.02 16.95 12.29
CA ASP B 126 -6.20 18.02 11.76
C ASP B 126 -5.70 17.77 10.35
N HIS B 127 -5.27 16.54 10.06
CA HIS B 127 -4.49 16.30 8.85
C HIS B 127 -5.28 15.74 7.66
N CYS B 128 -6.41 15.10 7.91
CA CYS B 128 -7.15 14.48 6.80
C CYS B 128 -7.96 15.54 6.05
N LYS B 129 -7.61 15.78 4.80
CA LYS B 129 -8.17 16.92 4.08
C LYS B 129 -9.13 16.56 2.94
N ALA B 130 -9.26 15.27 2.61
CA ALA B 130 -10.18 14.89 1.55
C ALA B 130 -10.64 13.46 1.72
N ILE B 131 -11.81 13.18 1.18
CA ILE B 131 -12.37 11.84 1.03
C ILE B 131 -12.56 11.60 -0.45
N TYR B 132 -12.09 10.48 -0.96
CA TYR B 132 -12.32 10.20 -2.38
C TYR B 132 -12.71 8.75 -2.62
N LEU B 133 -13.23 8.49 -3.80
CA LEU B 133 -13.80 7.20 -4.13
C LEU B 133 -13.85 7.06 -5.64
N HIS B 134 -14.09 5.83 -6.10
CA HIS B 134 -14.33 5.56 -7.50
C HIS B 134 -15.70 4.94 -7.69
N VAL B 135 -16.32 5.23 -8.83
CA VAL B 135 -17.65 4.72 -9.13
C VAL B 135 -17.78 4.47 -10.64
N LEU B 136 -18.59 3.48 -11.02
CA LEU B 136 -18.89 3.24 -12.43
C LEU B 136 -19.62 4.45 -13.00
N THR B 137 -19.29 4.85 -14.23
CA THR B 137 -19.89 6.09 -14.75
C THR B 137 -21.41 5.95 -15.00
N THR B 138 -21.88 4.70 -15.09
CA THR B 138 -23.29 4.40 -15.31
C THR B 138 -24.09 4.29 -14.01
N ASN B 139 -23.42 4.38 -12.87
CA ASN B 139 -24.05 4.20 -11.57
C ASN B 139 -24.70 5.51 -11.10
N ASN B 140 -25.81 5.86 -11.75
CA ASN B 140 -26.50 7.10 -11.49
C ASN B 140 -27.01 7.21 -10.06
N THR B 141 -27.42 6.08 -9.48
CA THR B 141 -27.90 6.09 -8.11
C THR B 141 -26.80 6.54 -7.15
N ALA B 142 -25.62 5.97 -7.31
CA ALA B 142 -24.49 6.30 -6.46
C ALA B 142 -24.01 7.72 -6.74
N ILE B 143 -23.95 8.08 -8.02
CA ILE B 143 -23.48 9.42 -8.39
C ILE B 143 -24.37 10.51 -7.80
N ASN B 144 -25.69 10.35 -7.90
CA ASN B 144 -26.62 11.32 -7.30
C ASN B 144 -26.46 11.41 -5.79
N PHE B 145 -26.28 10.25 -5.16
CA PHE B 145 -26.04 10.20 -3.73
C PHE B 145 -24.82 11.04 -3.34
N TYR B 146 -23.72 10.85 -4.05
CA TYR B 146 -22.50 11.57 -3.72
C TYR B 146 -22.61 13.06 -4.06
N GLU B 147 -23.17 13.36 -5.22
CA GLU B 147 -23.24 14.77 -5.65
C GLU B 147 -24.19 15.57 -4.77
N ASN B 148 -25.19 14.91 -4.20
CA ASN B 148 -26.09 15.54 -3.25
C ASN B 148 -25.46 15.67 -1.87
N ARG B 149 -24.26 15.10 -1.71
CA ARG B 149 -23.56 15.12 -0.43
C ARG B 149 -22.20 15.82 -0.57
N ASP B 150 -22.13 16.74 -1.54
CA ASP B 150 -21.04 17.70 -1.71
C ASP B 150 -19.78 17.11 -2.34
N PHE B 151 -19.83 15.85 -2.75
CA PHE B 151 -18.73 15.28 -3.50
C PHE B 151 -18.72 15.87 -4.89
N LYS B 152 -17.53 16.15 -5.41
CA LYS B 152 -17.39 16.69 -6.75
C LYS B 152 -16.68 15.70 -7.68
N GLN B 153 -17.13 15.64 -8.93
CA GLN B 153 -16.48 14.78 -9.88
C GLN B 153 -15.12 15.35 -10.18
N HIS B 154 -14.09 14.50 -10.15
CA HIS B 154 -12.71 14.93 -10.27
C HIS B 154 -11.95 14.39 -11.48
N HIS B 155 -12.14 13.10 -11.80
CA HIS B 155 -11.48 12.50 -12.94
C HIS B 155 -12.41 11.56 -13.68
N TYR B 156 -12.19 11.48 -14.99
CA TYR B 156 -12.78 10.43 -15.81
C TYR B 156 -11.71 9.37 -16.06
N LEU B 157 -12.08 8.09 -15.86
CA LEU B 157 -11.12 7.00 -15.89
C LEU B 157 -11.55 5.96 -16.93
N PRO B 158 -11.04 6.07 -18.16
CA PRO B 158 -11.58 5.17 -19.18
C PRO B 158 -11.20 3.72 -18.94
N TYR B 159 -12.18 2.81 -19.05
CA TYR B 159 -11.92 1.37 -18.92
C TYR B 159 -11.17 1.05 -17.64
N TYR B 160 -11.57 1.71 -16.56
CA TYR B 160 -10.96 1.57 -15.25
C TYR B 160 -11.30 0.23 -14.59
N TYR B 161 -12.54 -0.20 -14.83
CA TYR B 161 -13.06 -1.40 -14.20
C TYR B 161 -13.09 -2.58 -15.16
N SER B 162 -12.85 -3.78 -14.64
CA SER B 162 -13.16 -4.99 -15.38
C SER B 162 -14.42 -5.60 -14.81
N ILE B 163 -15.51 -5.54 -15.56
CA ILE B 163 -16.80 -5.98 -15.07
C ILE B 163 -17.26 -7.21 -15.85
N ARG B 164 -17.12 -8.38 -15.23
CA ARG B 164 -17.48 -9.67 -15.83
C ARG B 164 -16.90 -9.83 -17.23
N GLY B 165 -15.61 -9.57 -17.36
CA GLY B 165 -14.86 -9.79 -18.58
C GLY B 165 -14.82 -8.63 -19.56
N VAL B 166 -15.49 -7.54 -19.21
CA VAL B 166 -15.60 -6.40 -20.12
C VAL B 166 -15.16 -5.15 -19.37
N LEU B 167 -14.41 -4.30 -20.05
CA LEU B 167 -13.93 -3.06 -19.41
C LEU B 167 -15.01 -1.97 -19.39
N LYS B 168 -15.06 -1.22 -18.30
CA LYS B 168 -16.04 -0.15 -18.13
C LYS B 168 -15.41 1.09 -17.51
N ASP B 169 -15.93 2.26 -17.86
CA ASP B 169 -15.39 3.53 -17.37
C ASP B 169 -15.73 3.81 -15.92
N GLY B 170 -14.87 4.61 -15.25
CA GLY B 170 -15.13 5.07 -13.91
C GLY B 170 -14.97 6.58 -13.73
N PHE B 171 -15.50 7.09 -12.62
CA PHE B 171 -15.22 8.45 -12.15
C PHE B 171 -14.48 8.41 -10.82
N THR B 172 -13.65 9.41 -10.58
CA THR B 172 -13.19 9.71 -9.23
C THR B 172 -14.07 10.83 -8.68
N TYR B 173 -14.57 10.66 -7.45
CA TYR B 173 -15.29 11.71 -6.74
C TYR B 173 -14.51 12.12 -5.50
N VAL B 174 -14.53 13.41 -5.18
CA VAL B 174 -13.75 13.94 -4.06
C VAL B 174 -14.56 14.92 -3.22
N LEU B 175 -14.45 14.78 -1.91
CA LEU B 175 -14.99 15.76 -0.98
C LEU B 175 -13.86 16.33 -0.17
N TYR B 176 -13.67 17.65 -0.21
CA TYR B 176 -12.65 18.26 0.63
C TYR B 176 -13.22 18.53 2.02
N ILE B 177 -12.43 18.24 3.03
CA ILE B 177 -12.80 18.43 4.42
C ILE B 177 -11.75 19.22 5.21
N ASN B 178 -12.21 19.80 6.32
CA ASN B 178 -11.39 20.64 7.19
C ASN B 178 -10.53 21.62 6.38
N GLY B 179 -11.15 22.30 5.41
CA GLY B 179 -10.46 23.33 4.64
C GLY B 179 -9.73 22.86 3.39
N GLY B 180 -9.58 21.55 3.22
CA GLY B 180 -8.85 21.03 2.09
C GLY B 180 -7.35 21.23 2.21
N MET C 1 16.47 0.24 -4.74
CA MET C 1 16.25 1.67 -4.59
C MET C 1 14.88 1.97 -5.16
N LYS C 2 13.90 2.16 -4.29
CA LYS C 2 12.56 2.41 -4.76
C LYS C 2 12.49 3.80 -5.38
N ALA C 3 11.64 3.95 -6.38
CA ALA C 3 11.43 5.23 -7.02
C ALA C 3 10.42 6.04 -6.21
N VAL C 4 10.40 7.35 -6.41
CA VAL C 4 9.45 8.22 -5.73
C VAL C 4 8.31 8.65 -6.65
N MET D 1 -16.33 1.94 -4.96
CA MET D 1 -16.09 0.58 -5.39
C MET D 1 -14.70 0.54 -5.97
N LYS D 2 -13.77 -0.05 -5.22
CA LYS D 2 -12.38 -0.11 -5.65
C LYS D 2 -12.29 -1.05 -6.85
N ALA D 3 -11.37 -0.75 -7.77
CA ALA D 3 -11.16 -1.62 -8.92
C ALA D 3 -10.20 -2.74 -8.52
N VAL D 4 -10.18 -3.82 -9.28
CA VAL D 4 -9.25 -4.92 -9.03
C VAL D 4 -8.11 -4.94 -10.05
N1A 1XE E . 35.16 -10.28 1.34
C2A 1XE E . 33.93 -10.19 0.82
N3A 1XE E . 33.71 -9.64 -0.38
C4A 1XE E . 34.77 -9.17 -1.09
C5A 1XE E . 36.05 -9.22 -0.63
C6A 1XE E . 36.23 -9.82 0.67
N6A 1XE E . 37.54 -9.94 1.26
N7A 1XE E . 36.84 -8.65 -1.59
C8A 1XE E . 36.07 -8.25 -2.63
N9A 1XE E . 34.81 -8.59 -2.32
C1B 1XE E . 33.58 -8.45 -2.92
C2B 1XE E . 32.97 -9.31 -3.83
O2B 1XE E . 33.54 -10.49 -4.44
C3B 1XE E . 31.67 -8.74 -4.06
O3B 1XE E . 30.64 -9.13 -4.84
P3B 1XE E . 30.52 -9.07 -6.39
O7A 1XE E . 29.59 -7.84 -6.80
O8A 1XE E . 29.86 -10.35 -6.70
O9A 1XE E . 31.82 -8.99 -7.07
C4B 1XE E . 31.65 -7.61 -3.24
O4B 1XE E . 32.75 -7.49 -2.58
C5B 1XE E . 30.49 -6.74 -3.06
O5B 1XE E . 29.80 -7.52 -2.04
P1A 1XE E . 29.52 -7.06 -0.51
O1A 1XE E . 30.81 -6.56 0.20
O2A 1XE E . 28.90 -8.18 0.20
O3A 1XE E . 28.51 -5.86 -0.77
P2A 1XE E . 28.73 -4.36 -0.32
O4A 1XE E . 30.01 -3.80 -1.06
O5A 1XE E . 28.76 -4.31 1.23
O6A 1XE E . 27.38 -3.68 -0.80
CBP 1XE E . 26.07 -2.58 -2.51
CCP 1XE E . 26.95 -3.77 -2.17
CDP 1XE E . 25.49 -2.68 -3.85
CEP 1XE E . 24.93 -2.48 -1.49
CAP 1XE E . 26.99 -1.33 -2.37
OAP 1XE E . 27.80 -1.27 -3.53
C9P 1XE E . 26.29 0.00 -2.19
O9P 1XE E . 25.85 0.37 -1.08
N8P 1XE E . 26.16 0.85 -3.38
C7P 1XE E . 25.51 2.16 -3.26
C6P 1XE E . 24.06 2.12 -3.03
C5P 1XE E . 23.32 1.26 -4.02
O5P 1XE E . 23.46 1.47 -5.27
N4P 1XE E . 22.48 0.18 -3.51
C3P 1XE E . 21.73 -0.70 -4.44
C2P 1XE E . 20.61 -0.02 -5.15
S1P 1XE E . 19.49 -1.09 -5.92
C1 1XE E . 18.29 -1.60 -4.73
C2 1XE E . 17.51 -0.45 -4.06
O21 1XE E . 18.01 0.19 -2.97
N1A 1XE F . -34.95 9.07 4.63
C2A 1XE F . -33.73 9.11 4.05
N3A 1XE F . -33.57 9.06 2.73
C4A 1XE F . -34.67 8.96 1.93
C5A 1XE F . -35.94 8.91 2.46
C6A 1XE F . -36.06 8.97 3.88
N6A 1XE F . -37.36 8.93 4.50
N7A 1XE F . -36.80 8.80 1.40
C8A 1XE F . -36.09 8.80 0.25
N9A 1XE F . -34.80 8.89 0.59
C1B 1XE F . -33.67 8.93 -0.19
C2B 1XE F . -33.44 9.86 -1.17
O2B 1XE F . -34.35 10.88 -1.63
C3B 1XE F . -32.12 9.59 -1.67
O3B 1XE F . -31.66 10.32 -2.72
P3B 1XE F . -30.30 10.97 -3.15
O7A 1XE F . -29.93 12.11 -2.14
O8A 1XE F . -30.51 11.51 -4.54
O9A 1XE F . -29.24 9.96 -3.21
C4B 1XE F . -31.69 8.46 -0.94
O4B 1XE F . -32.63 8.15 -0.06
C5B 1XE F . -30.42 7.72 -0.90
O5B 1XE F . -29.87 7.95 0.44
P1A 1XE F . -29.56 6.84 1.59
O1A 1XE F . -28.90 7.53 2.81
O2A 1XE F . -30.78 6.10 1.97
O3A 1XE F . -28.52 5.87 0.86
P2A 1XE F . -28.74 4.31 0.67
O4A 1XE F . -29.99 4.11 -0.28
O5A 1XE F . -28.84 3.61 2.04
O6A 1XE F . -27.38 3.87 -0.01
CBP 1XE F . -25.99 3.56 -1.99
CCP 1XE F . -26.89 4.51 -1.21
CDP 1XE F . -25.35 4.20 -3.15
CEP 1XE F . -24.89 3.03 -1.07
CAP 1XE F . -26.91 2.37 -2.41
OAP 1XE F . -27.66 2.84 -3.52
C9P 1XE F . -26.20 1.09 -2.80
O9P 1XE F . -25.76 0.26 -1.95
N8P 1XE F . -26.05 0.84 -4.24
C7P 1XE F . -25.39 -0.37 -4.71
C6P 1XE F . -23.94 -0.43 -4.43
C5P 1XE F . -23.17 0.76 -4.94
O5P 1XE F . -23.27 1.14 -6.15
N4P 1XE F . -22.32 1.48 -4.01
C3P 1XE F . -21.55 2.66 -4.47
C2P 1XE F . -20.37 2.33 -5.31
S1P 1XE F . -19.26 3.64 -5.51
C1 1XE F . -18.12 3.60 -4.17
C2 1XE F . -17.35 2.27 -4.03
O21 1XE F . -17.88 1.23 -3.34
#